data_8C71
#
_entry.id   8C71
#
_cell.length_a   45.610
_cell.length_b   73.770
_cell.length_c   53.450
_cell.angle_alpha   90.000
_cell.angle_beta   110.160
_cell.angle_gamma   90.000
#
_symmetry.space_group_name_H-M   'P 1 21 1'
#
loop_
_entity.id
_entity.type
_entity.pdbx_description
1 polymer Endothiapepsin
2 non-polymer GLYCEROL
3 non-polymer (3~{R},4~{R})-4-(3,4-dihydro-1~{H}-isoquinolin-2-yl)pyrrolidin-3-ol
4 water water
#
_entity_poly.entity_id   1
_entity_poly.type   'polypeptide(L)'
_entity_poly.pdbx_seq_one_letter_code
;MSSPLKNALVTAMLAGGALSSPTKQHVGIPVNASPEVGPGKYSFKQVRNPNYKFNGPLSVKKTYLKYGVPIPAWLEDAVQ
NSTSGLAERSTGSATTTPIDSLDDAYITPVQIGTPAQTLNLDFDTGSSDLWVFSSETTASEVDGQTIYTPSKSTTAKLLS
GATWSISYGDGSSSSGDVYTDTVSVGGLTVTGQAVESAKKVSSSFTEDSTIDGLLGLAFSTLNTVSPTQQKTFFDNAKAS
LDSPVFTADLGYHAPGTYNFGFIDTTAYTGSITYTAVSTKQGFWEWTSTGYAVGSGTFKSTSIDGIADTGTTLLYLPATV
VSAYWAQVSGAKSSSSVGGYVFPCSATLPSFTFGVGSARIVIPGDYIDFGPISTGSSSCFGGIQSSAGIGINIFGDVALK
AAFVVFNGATTPTLGFASK
;
_entity_poly.pdbx_strand_id   A
#
# COMPACT_ATOMS: atom_id res chain seq x y z
N SER A 90 -8.47 -17.80 -14.05
CA SER A 90 -8.85 -16.39 -14.37
C SER A 90 -7.73 -15.44 -14.00
N THR A 91 -7.82 -14.22 -14.52
CA THR A 91 -6.88 -13.14 -14.16
C THR A 91 -7.65 -11.83 -14.09
N GLY A 92 -7.01 -10.82 -13.50
CA GLY A 92 -7.50 -9.46 -13.59
C GLY A 92 -6.33 -8.52 -13.72
N SER A 93 -6.60 -7.31 -14.26
CA SER A 93 -5.56 -6.32 -14.44
C SER A 93 -6.22 -4.96 -14.36
N ALA A 94 -5.75 -4.09 -13.47
CA ALA A 94 -6.33 -2.75 -13.31
C ALA A 94 -5.21 -1.72 -13.20
N THR A 95 -5.46 -0.53 -13.73
CA THR A 95 -4.52 0.57 -13.61
C THR A 95 -4.68 1.23 -12.26
N THR A 96 -3.55 1.57 -11.63
CA THR A 96 -3.55 2.30 -10.38
C THR A 96 -2.89 3.66 -10.63
N THR A 97 -3.44 4.70 -10.02
CA THR A 97 -3.11 6.08 -10.35
C THR A 97 -2.77 6.85 -9.07
N PRO A 98 -1.70 7.65 -9.06
CA PRO A 98 -1.44 8.49 -7.88
C PRO A 98 -2.58 9.47 -7.67
N ILE A 99 -2.90 9.73 -6.40
CA ILE A 99 -4.01 10.65 -6.13
C ILE A 99 -3.61 12.12 -6.28
N ASP A 100 -2.32 12.43 -6.31
CA ASP A 100 -1.85 13.82 -6.32
C ASP A 100 -0.45 13.85 -6.90
N SER A 101 0.14 15.05 -6.96
CA SER A 101 1.43 15.24 -7.62
C SER A 101 2.60 14.70 -6.81
N LEU A 102 2.36 14.29 -5.57
CA LEU A 102 3.40 13.77 -4.69
C LEU A 102 3.36 12.27 -4.57
N ASP A 103 2.42 11.59 -5.24
CA ASP A 103 2.27 10.15 -5.07
C ASP A 103 1.95 9.82 -3.60
N ASP A 104 1.05 10.60 -3.00
CA ASP A 104 0.74 10.34 -1.59
C ASP A 104 0.03 9.00 -1.37
N ALA A 105 -0.69 8.53 -2.37
CA ALA A 105 -1.41 7.26 -2.33
C ALA A 105 -1.79 6.97 -3.76
N TYR A 106 -2.30 5.76 -3.98
CA TYR A 106 -2.69 5.29 -5.28
C TYR A 106 -4.11 4.75 -5.22
N ILE A 107 -4.91 5.04 -6.23
CA ILE A 107 -6.28 4.55 -6.30
C ILE A 107 -6.47 3.66 -7.53
N THR A 108 -7.36 2.66 -7.37
CA THR A 108 -7.62 1.67 -8.39
C THR A 108 -9.13 1.50 -8.48
N PRO A 109 -9.73 1.53 -9.67
CA PRO A 109 -11.19 1.42 -9.75
C PRO A 109 -11.62 0.00 -9.46
N VAL A 110 -12.73 -0.13 -8.72
CA VAL A 110 -13.29 -1.41 -8.29
C VAL A 110 -14.80 -1.36 -8.52
N GLN A 111 -15.35 -2.39 -9.17
CA GLN A 111 -16.79 -2.49 -9.41
C GLN A 111 -17.43 -3.27 -8.27
N ILE A 112 -18.46 -2.71 -7.64
CA ILE A 112 -19.15 -3.34 -6.53
C ILE A 112 -20.64 -3.39 -6.87
N GLY A 113 -21.25 -4.57 -6.73
CA GLY A 113 -22.70 -4.66 -6.81
C GLY A 113 -23.25 -4.83 -8.22
N THR A 114 -24.60 -4.86 -8.27
CA THR A 114 -25.33 -5.09 -9.52
C THR A 114 -26.52 -4.14 -9.57
N PRO A 115 -26.61 -3.24 -10.56
CA PRO A 115 -25.54 -2.88 -11.51
C PRO A 115 -24.29 -2.40 -10.77
N ALA A 116 -23.18 -2.41 -11.48
CA ALA A 116 -21.93 -2.02 -10.87
C ALA A 116 -21.98 -0.60 -10.34
N GLN A 117 -21.38 -0.41 -9.17
CA GLN A 117 -21.03 0.89 -8.62
C GLN A 117 -19.51 0.94 -8.56
N THR A 118 -18.89 1.84 -9.33
CA THR A 118 -17.44 1.87 -9.40
C THR A 118 -16.93 2.86 -8.37
N LEU A 119 -16.10 2.38 -7.46
CA LEU A 119 -15.43 3.20 -6.44
C LEU A 119 -13.93 3.12 -6.67
N ASN A 120 -13.21 4.18 -6.31
CA ASN A 120 -11.75 4.19 -6.45
C ASN A 120 -11.13 3.90 -5.07
N LEU A 121 -10.57 2.70 -4.93
CA LEU A 121 -10.10 2.21 -3.65
C LEU A 121 -8.57 2.25 -3.57
N ASP A 122 -8.07 2.39 -2.34
CA ASP A 122 -6.64 2.35 -2.05
C ASP A 122 -6.31 0.89 -1.71
N PHE A 123 -5.61 0.22 -2.62
CA PHE A 123 -5.19 -1.16 -2.42
C PHE A 123 -4.06 -1.19 -1.40
N ASP A 124 -4.27 -1.91 -0.29
CA ASP A 124 -3.41 -1.80 0.88
C ASP A 124 -2.90 -3.19 1.29
N THR A 125 -1.66 -3.51 0.92
CA THR A 125 -1.08 -4.79 1.29
C THR A 125 -0.73 -4.86 2.78
N GLY A 126 -0.95 -3.80 3.56
CA GLY A 126 -0.77 -3.83 4.98
C GLY A 126 -2.04 -3.97 5.81
N SER A 127 -3.21 -4.19 5.21
CA SER A 127 -4.43 -4.41 5.96
C SER A 127 -5.32 -5.39 5.21
N SER A 128 -6.46 -5.78 5.83
CA SER A 128 -7.20 -6.94 5.35
C SER A 128 -8.70 -6.72 5.31
N ASP A 129 -9.14 -5.47 5.25
CA ASP A 129 -10.55 -5.12 5.17
C ASP A 129 -10.79 -4.41 3.84
N LEU A 130 -11.91 -4.72 3.20
CA LEU A 130 -12.40 -3.99 2.02
C LEU A 130 -13.54 -3.15 2.57
N TRP A 131 -13.27 -1.85 2.79
CA TRP A 131 -14.28 -0.96 3.33
C TRP A 131 -14.48 0.22 2.40
N VAL A 132 -15.71 0.76 2.42
CA VAL A 132 -16.10 1.81 1.49
C VAL A 132 -16.92 2.89 2.17
N PHE A 133 -16.74 4.13 1.68
CA PHE A 133 -17.74 5.17 1.91
C PHE A 133 -19.08 4.68 1.38
N SER A 134 -20.16 5.06 2.06
CA SER A 134 -21.44 4.48 1.74
C SER A 134 -22.58 5.46 1.97
N SER A 135 -23.77 5.05 1.50
CA SER A 135 -25.00 5.76 1.82
C SER A 135 -25.27 5.81 3.31
N GLU A 136 -24.59 4.98 4.12
CA GLU A 136 -24.74 4.92 5.56
C GLU A 136 -23.74 5.83 6.27
N THR A 137 -22.77 6.39 5.56
CA THR A 137 -21.75 7.17 6.24
C THR A 137 -22.36 8.49 6.70
N THR A 138 -22.09 8.86 7.95
CA THR A 138 -22.55 10.15 8.48
C THR A 138 -22.31 11.25 7.46
N ALA A 139 -23.36 12.02 7.17
CA ALA A 139 -23.32 12.90 6.00
C ALA A 139 -22.20 13.92 6.11
N SER A 140 -21.96 14.46 7.30
CA SER A 140 -20.92 15.46 7.47
C SER A 140 -19.52 14.88 7.31
N GLU A 141 -19.39 13.57 7.29
CA GLU A 141 -18.09 12.93 7.11
C GLU A 141 -17.82 12.55 5.66
N VAL A 142 -18.73 12.87 4.75
CA VAL A 142 -18.54 12.65 3.32
C VAL A 142 -18.28 14.01 2.69
N ASP A 143 -17.18 14.12 1.93
CA ASP A 143 -16.81 15.38 1.29
C ASP A 143 -16.17 15.06 -0.07
N GLY A 144 -17.01 14.67 -1.03
CA GLY A 144 -16.59 14.47 -2.41
C GLY A 144 -16.36 13.02 -2.82
N GLN A 145 -16.32 12.11 -1.86
CA GLN A 145 -16.11 10.69 -2.21
C GLN A 145 -17.31 10.13 -2.94
N THR A 146 -17.06 9.11 -3.75
CA THR A 146 -18.13 8.30 -4.32
C THR A 146 -18.54 7.25 -3.30
N ILE A 147 -19.85 7.09 -3.12
CA ILE A 147 -20.38 6.17 -2.12
C ILE A 147 -20.97 4.92 -2.75
N TYR A 148 -20.89 3.83 -1.99
CA TYR A 148 -21.60 2.59 -2.27
C TYR A 148 -22.98 2.66 -1.59
N THR A 149 -24.04 2.36 -2.36
CA THR A 149 -25.40 2.35 -1.84
C THR A 149 -25.89 0.91 -1.95
N PRO A 150 -25.82 0.13 -0.87
CA PRO A 150 -26.17 -1.29 -0.99
C PRO A 150 -27.63 -1.51 -1.38
N SER A 151 -28.55 -0.61 -1.00
CA SER A 151 -29.96 -0.81 -1.33
C SER A 151 -30.21 -0.77 -2.83
N LYS A 152 -29.27 -0.23 -3.60
CA LYS A 152 -29.37 -0.15 -5.06
C LYS A 152 -28.70 -1.33 -5.74
N SER A 153 -28.07 -2.23 -4.98
CA SER A 153 -27.42 -3.41 -5.54
C SER A 153 -28.31 -4.63 -5.31
N THR A 154 -28.73 -5.27 -6.40
CA THR A 154 -29.63 -6.39 -6.26
C THR A 154 -28.94 -7.64 -5.75
N THR A 155 -27.62 -7.64 -5.72
CA THR A 155 -26.84 -8.74 -5.19
C THR A 155 -26.32 -8.51 -3.78
N ALA A 156 -26.55 -7.33 -3.19
CA ALA A 156 -26.08 -7.06 -1.84
C ALA A 156 -26.96 -7.76 -0.82
N LYS A 157 -26.33 -8.33 0.21
CA LYS A 157 -27.06 -8.92 1.32
C LYS A 157 -26.41 -8.49 2.63
N LEU A 158 -27.20 -7.96 3.55
CA LEU A 158 -26.64 -7.58 4.85
C LEU A 158 -26.15 -8.83 5.55
N LEU A 159 -24.93 -8.78 6.08
CA LEU A 159 -24.38 -9.88 6.87
C LEU A 159 -24.84 -9.69 8.32
N SER A 160 -25.79 -10.53 8.75
CA SER A 160 -26.53 -10.27 9.98
C SER A 160 -25.60 -10.25 11.20
N GLY A 161 -25.68 -9.18 11.97
CA GLY A 161 -24.91 -9.07 13.20
C GLY A 161 -23.46 -8.67 13.04
N ALA A 162 -22.97 -8.47 11.82
CA ALA A 162 -21.55 -8.24 11.60
C ALA A 162 -21.23 -6.75 11.62
N THR A 163 -20.15 -6.40 12.32
CA THR A 163 -19.65 -5.04 12.33
C THR A 163 -18.13 -5.09 12.15
N TRP A 164 -17.56 -3.93 11.88
CA TRP A 164 -16.11 -3.82 11.73
C TRP A 164 -15.67 -2.48 12.30
N SER A 165 -14.38 -2.40 12.63
CA SER A 165 -13.80 -1.17 13.14
C SER A 165 -12.29 -1.28 12.99
N ILE A 166 -11.67 -0.26 12.41
N ILE A 166 -11.68 -0.27 12.39
CA ILE A 166 -10.24 -0.34 12.09
CA ILE A 166 -10.25 -0.31 12.14
C ILE A 166 -9.58 0.98 12.43
C ILE A 166 -9.61 0.98 12.62
N SER A 167 -8.30 0.90 12.82
CA SER A 167 -7.43 2.05 13.01
C SER A 167 -6.13 1.82 12.27
N TYR A 168 -5.60 2.87 11.65
CA TYR A 168 -4.40 2.76 10.83
C TYR A 168 -3.17 3.44 11.45
N GLY A 171 -3.19 7.34 12.67
CA GLY A 171 -4.18 7.67 13.69
C GLY A 171 -5.63 7.68 13.21
N SER A 172 -5.80 7.33 11.94
CA SER A 172 -7.11 7.39 11.31
C SER A 172 -7.91 6.13 11.61
N SER A 173 -9.23 6.22 11.41
CA SER A 173 -10.13 5.13 11.79
C SER A 173 -11.41 5.20 10.97
N SER A 174 -12.13 4.07 10.99
CA SER A 174 -13.43 3.96 10.36
C SER A 174 -14.12 2.73 10.92
N SER A 175 -15.45 2.68 10.79
CA SER A 175 -16.23 1.54 11.31
C SER A 175 -17.60 1.49 10.64
N GLY A 176 -18.25 0.32 10.75
CA GLY A 176 -19.60 0.22 10.21
C GLY A 176 -20.14 -1.19 10.25
N ASP A 177 -21.02 -1.47 9.28
CA ASP A 177 -21.68 -2.77 9.11
C ASP A 177 -21.16 -3.44 7.84
N VAL A 178 -21.73 -4.58 7.49
CA VAL A 178 -21.12 -5.45 6.48
C VAL A 178 -22.19 -6.00 5.56
N TYR A 179 -21.95 -5.92 4.25
CA TYR A 179 -22.74 -6.60 3.23
C TYR A 179 -21.85 -7.62 2.53
N THR A 180 -22.46 -8.65 1.97
CA THR A 180 -21.77 -9.41 0.95
C THR A 180 -22.29 -8.94 -0.40
N ASP A 181 -21.39 -8.89 -1.39
CA ASP A 181 -21.79 -8.44 -2.72
C ASP A 181 -20.76 -8.94 -3.73
N THR A 182 -21.07 -8.73 -5.00
CA THR A 182 -20.12 -9.04 -6.08
CA THR A 182 -20.12 -9.04 -6.07
C THR A 182 -19.13 -7.90 -6.24
N VAL A 183 -17.85 -8.24 -6.32
CA VAL A 183 -16.77 -7.28 -6.46
C VAL A 183 -15.89 -7.70 -7.62
N SER A 184 -15.59 -6.76 -8.52
CA SER A 184 -14.70 -7.07 -9.63
C SER A 184 -13.57 -6.05 -9.73
N VAL A 185 -12.37 -6.55 -10.03
CA VAL A 185 -11.18 -5.71 -10.22
C VAL A 185 -10.58 -6.08 -11.54
N GLY A 186 -10.57 -5.13 -12.46
CA GLY A 186 -9.78 -5.37 -13.65
C GLY A 186 -10.24 -6.59 -14.41
N GLY A 187 -11.54 -6.91 -14.37
CA GLY A 187 -12.07 -8.08 -15.02
C GLY A 187 -12.14 -9.36 -14.21
N LEU A 188 -11.61 -9.40 -13.00
CA LEU A 188 -11.65 -10.56 -12.11
C LEU A 188 -12.79 -10.36 -11.12
N THR A 189 -13.72 -11.31 -11.04
CA THR A 189 -14.94 -11.18 -10.24
C THR A 189 -14.98 -12.17 -9.10
N VAL A 190 -15.31 -11.66 -7.91
CA VAL A 190 -15.60 -12.48 -6.72
C VAL A 190 -17.05 -12.26 -6.36
N THR A 191 -17.81 -13.34 -6.18
CA THR A 191 -19.14 -13.22 -5.61
C THR A 191 -19.05 -13.47 -4.08
N GLY A 192 -19.97 -12.85 -3.34
CA GLY A 192 -19.97 -13.06 -1.91
C GLY A 192 -18.83 -12.40 -1.17
N GLN A 193 -18.21 -11.37 -1.75
CA GLN A 193 -17.16 -10.66 -1.04
C GLN A 193 -17.76 -9.82 0.08
N ALA A 194 -17.12 -9.84 1.26
CA ALA A 194 -17.52 -8.92 2.33
C ALA A 194 -17.13 -7.50 1.98
N VAL A 195 -18.11 -6.62 1.90
CA VAL A 195 -17.95 -5.21 1.62
C VAL A 195 -18.36 -4.49 2.91
N GLU A 196 -17.38 -3.85 3.55
CA GLU A 196 -17.57 -3.26 4.85
C GLU A 196 -18.00 -1.81 4.64
N SER A 197 -19.25 -1.52 4.92
CA SER A 197 -19.84 -0.21 4.64
C SER A 197 -19.63 0.70 5.84
N ALA A 198 -18.99 1.86 5.61
CA ALA A 198 -18.68 2.75 6.72
C ALA A 198 -19.92 3.49 7.20
N LYS A 199 -20.13 3.46 8.52
CA LYS A 199 -21.04 4.40 9.17
C LYS A 199 -20.30 5.64 9.66
N LYS A 200 -19.03 5.50 10.02
CA LYS A 200 -18.19 6.56 10.54
C LYS A 200 -16.81 6.45 9.91
N VAL A 201 -16.22 7.61 9.60
CA VAL A 201 -14.83 7.67 9.18
C VAL A 201 -14.21 8.86 9.91
N SER A 202 -12.90 8.80 10.15
CA SER A 202 -12.22 9.92 10.78
C SER A 202 -11.87 11.01 9.75
N SER A 203 -11.43 12.15 10.30
CA SER A 203 -11.29 13.37 9.51
C SER A 203 -10.30 13.19 8.38
N SER A 204 -9.24 12.40 8.56
CA SER A 204 -8.29 12.26 7.46
C SER A 204 -8.91 11.61 6.23
N PHE A 205 -9.85 10.69 6.43
CA PHE A 205 -10.54 10.11 5.29
C PHE A 205 -11.49 11.12 4.68
N THR A 206 -12.28 11.79 5.50
CA THR A 206 -13.19 12.83 4.99
C THR A 206 -12.45 13.83 4.12
N GLU A 207 -11.28 14.25 4.56
CA GLU A 207 -10.54 15.31 3.91
C GLU A 207 -9.86 14.86 2.63
N ASP A 208 -9.87 13.57 2.32
CA ASP A 208 -9.30 13.09 1.08
C ASP A 208 -10.40 12.64 0.13
N SER A 209 -10.81 13.55 -0.74
CA SER A 209 -11.94 13.27 -1.59
C SER A 209 -11.65 12.23 -2.66
N THR A 210 -10.37 11.90 -2.89
CA THR A 210 -9.99 11.00 -3.98
C THR A 210 -10.06 9.52 -3.60
N ILE A 211 -10.16 9.19 -2.31
CA ILE A 211 -10.12 7.80 -1.86
C ILE A 211 -11.49 7.43 -1.34
N ASP A 212 -12.14 6.45 -2.01
CA ASP A 212 -13.49 6.04 -1.68
C ASP A 212 -13.52 4.85 -0.69
N GLY A 213 -12.38 4.37 -0.28
CA GLY A 213 -12.26 3.26 0.65
C GLY A 213 -10.97 2.55 0.40
N LEU A 214 -10.83 1.42 1.09
CA LEU A 214 -9.61 0.61 1.04
C LEU A 214 -9.95 -0.79 0.57
N LEU A 215 -9.01 -1.43 -0.11
CA LEU A 215 -9.11 -2.86 -0.43
C LEU A 215 -7.88 -3.54 0.14
N GLY A 216 -8.07 -4.27 1.25
CA GLY A 216 -6.95 -4.89 1.94
C GLY A 216 -6.45 -6.13 1.25
N LEU A 217 -5.12 -6.27 1.20
CA LEU A 217 -4.43 -7.37 0.54
C LEU A 217 -3.38 -8.04 1.43
N ALA A 218 -3.41 -7.75 2.74
CA ALA A 218 -2.64 -8.51 3.73
C ALA A 218 -3.38 -9.83 4.00
N PHE A 219 -2.95 -10.56 5.01
CA PHE A 219 -3.51 -11.89 5.24
C PHE A 219 -4.84 -11.78 5.99
N SER A 220 -5.76 -12.71 5.71
CA SER A 220 -7.12 -12.56 6.25
C SER A 220 -7.19 -12.65 7.78
N THR A 221 -6.13 -13.14 8.44
CA THR A 221 -6.09 -13.12 9.91
C THR A 221 -6.22 -11.72 10.50
N LEU A 222 -5.89 -10.65 9.75
CA LEU A 222 -6.04 -9.28 10.22
C LEU A 222 -7.43 -8.70 9.99
N ASN A 223 -8.35 -9.40 9.32
CA ASN A 223 -9.64 -8.81 9.03
C ASN A 223 -10.39 -8.50 10.33
N THR A 224 -11.03 -7.34 10.39
CA THR A 224 -11.63 -6.87 11.65
C THR A 224 -13.09 -7.24 11.83
N VAL A 225 -13.75 -7.87 10.85
CA VAL A 225 -15.18 -8.13 11.03
C VAL A 225 -15.43 -9.03 12.22
N SER A 226 -16.43 -8.68 13.01
CA SER A 226 -16.84 -9.39 14.21
C SER A 226 -18.34 -9.62 14.12
N PRO A 227 -18.85 -10.78 14.60
CA PRO A 227 -18.13 -11.84 15.31
C PRO A 227 -17.54 -12.92 14.41
N THR A 228 -17.65 -12.79 13.09
CA THR A 228 -17.17 -13.79 12.13
C THR A 228 -16.24 -13.07 11.18
N GLN A 229 -14.94 -13.32 11.33
CA GLN A 229 -13.96 -12.69 10.44
CA GLN A 229 -13.94 -12.72 10.45
C GLN A 229 -14.21 -13.08 9.00
N GLN A 230 -13.91 -12.15 8.09
CA GLN A 230 -14.16 -12.30 6.67
C GLN A 230 -12.84 -12.36 5.88
N LYS A 231 -12.92 -12.89 4.65
CA LYS A 231 -11.76 -13.07 3.78
C LYS A 231 -11.51 -11.86 2.88
N THR A 232 -10.22 -11.63 2.56
CA THR A 232 -9.89 -10.59 1.60
C THR A 232 -10.33 -10.99 0.18
N PHE A 233 -10.35 -9.98 -0.69
CA PHE A 233 -10.65 -10.18 -2.10
C PHE A 233 -9.68 -11.18 -2.70
N PHE A 234 -8.38 -11.05 -2.38
CA PHE A 234 -7.40 -12.00 -2.92
C PHE A 234 -7.65 -13.41 -2.40
N ASP A 235 -7.91 -13.58 -1.11
CA ASP A 235 -8.19 -14.91 -0.61
C ASP A 235 -9.40 -15.53 -1.30
N ASN A 236 -10.44 -14.74 -1.50
CA ASN A 236 -11.61 -15.28 -2.16
C ASN A 236 -11.34 -15.63 -3.62
N ALA A 237 -10.49 -14.87 -4.29
CA ALA A 237 -10.22 -15.10 -5.71
C ALA A 237 -9.22 -16.20 -5.95
N LYS A 238 -8.40 -16.50 -4.96
CA LYS A 238 -7.13 -17.19 -5.21
C LYS A 238 -7.30 -18.52 -5.94
N ALA A 239 -8.28 -19.33 -5.51
CA ALA A 239 -8.42 -20.66 -6.10
C ALA A 239 -8.77 -20.59 -7.58
N SER A 240 -9.44 -19.50 -8.00
CA SER A 240 -9.84 -19.36 -9.38
CA SER A 240 -9.85 -19.32 -9.38
C SER A 240 -8.72 -18.81 -10.26
N LEU A 241 -7.72 -18.17 -9.66
CA LEU A 241 -6.68 -17.51 -10.44
C LEU A 241 -5.80 -18.54 -11.17
N ASP A 242 -5.26 -18.12 -12.32
CA ASP A 242 -4.33 -19.00 -13.04
C ASP A 242 -3.16 -19.41 -12.14
N SER A 243 -2.62 -18.47 -11.36
CA SER A 243 -1.57 -18.68 -10.39
CA SER A 243 -1.58 -18.69 -10.39
C SER A 243 -1.96 -17.85 -9.17
N PRO A 244 -1.67 -18.35 -7.94
CA PRO A 244 -2.18 -17.65 -6.71
C PRO A 244 -1.30 -16.48 -6.31
N VAL A 245 -1.27 -15.46 -7.16
CA VAL A 245 -0.35 -14.34 -7.01
C VAL A 245 -1.07 -13.06 -7.37
N PHE A 246 -0.55 -11.93 -6.86
CA PHE A 246 -0.86 -10.64 -7.43
C PHE A 246 0.43 -9.85 -7.50
N THR A 247 0.46 -8.84 -8.38
CA THR A 247 1.66 -8.03 -8.53
C THR A 247 1.31 -6.56 -8.42
N ALA A 248 2.23 -5.80 -7.83
CA ALA A 248 2.10 -4.35 -7.72
C ALA A 248 3.21 -3.70 -8.54
N ASP A 249 2.82 -2.81 -9.45
CA ASP A 249 3.75 -2.06 -10.30
C ASP A 249 3.33 -0.60 -10.20
N LEU A 250 3.75 0.05 -9.11
CA LEU A 250 3.35 1.43 -8.84
C LEU A 250 4.25 2.38 -9.62
N GLY A 251 3.66 3.44 -10.19
CA GLY A 251 4.43 4.40 -10.94
C GLY A 251 4.91 5.57 -10.10
N TYR A 252 6.06 6.12 -10.49
CA TYR A 252 6.53 7.40 -9.96
C TYR A 252 5.95 8.51 -10.82
N HIS A 253 5.04 9.31 -10.24
CA HIS A 253 4.41 10.40 -10.99
C HIS A 253 3.76 9.89 -12.26
N ALA A 254 3.20 8.69 -12.22
CA ALA A 254 2.73 8.05 -13.44
C ALA A 254 1.79 6.92 -13.07
N PRO A 255 0.93 6.48 -13.99
CA PRO A 255 0.10 5.29 -13.74
C PRO A 255 0.94 4.03 -13.60
N GLY A 256 0.29 3.03 -13.02
CA GLY A 256 0.86 1.74 -12.79
C GLY A 256 -0.21 0.69 -12.86
N THR A 257 0.09 -0.51 -12.39
CA THR A 257 -0.80 -1.65 -12.60
C THR A 257 -0.79 -2.58 -11.40
N TYR A 258 -1.98 -3.07 -11.02
CA TYR A 258 -2.15 -4.26 -10.19
C TYR A 258 -2.66 -5.38 -11.07
N ASN A 259 -1.92 -6.49 -11.09
CA ASN A 259 -2.36 -7.69 -11.79
C ASN A 259 -2.67 -8.79 -10.80
N PHE A 260 -3.67 -9.61 -11.11
CA PHE A 260 -4.04 -10.76 -10.31
C PHE A 260 -3.98 -12.00 -11.17
N GLY A 261 -3.23 -13.01 -10.71
CA GLY A 261 -3.26 -14.33 -11.30
C GLY A 261 -2.16 -14.60 -12.31
N PHE A 262 -1.29 -13.62 -12.61
CA PHE A 262 -0.26 -13.81 -13.61
C PHE A 262 0.84 -12.80 -13.40
N ILE A 263 2.01 -13.12 -13.92
N ILE A 263 2.04 -13.17 -13.87
CA ILE A 263 3.20 -12.28 -13.84
CA ILE A 263 3.23 -12.35 -13.93
C ILE A 263 3.55 -11.81 -15.25
C ILE A 263 3.38 -11.81 -15.34
N ASP A 264 3.42 -10.49 -15.48
CA ASP A 264 3.68 -9.88 -16.79
C ASP A 264 5.19 -9.76 -16.96
N THR A 265 5.79 -10.69 -17.72
CA THR A 265 7.23 -10.74 -17.85
C THR A 265 7.79 -9.57 -18.66
N THR A 266 6.93 -8.75 -19.29
CA THR A 266 7.40 -7.56 -19.96
C THR A 266 7.47 -6.34 -19.05
N ALA A 267 7.04 -6.46 -17.78
CA ALA A 267 6.90 -5.30 -16.90
C ALA A 267 8.13 -5.01 -16.07
N TYR A 268 9.18 -5.81 -16.20
CA TYR A 268 10.37 -5.63 -15.36
C TYR A 268 11.60 -5.98 -16.19
N THR A 269 12.75 -5.63 -15.66
CA THR A 269 14.04 -5.97 -16.28
C THR A 269 14.72 -7.02 -15.43
N GLY A 270 15.67 -7.73 -16.03
CA GLY A 270 16.40 -8.73 -15.25
C GLY A 270 15.49 -9.82 -14.74
N SER A 271 15.84 -10.35 -13.57
N SER A 271 15.83 -10.36 -13.58
CA SER A 271 15.08 -11.44 -12.97
CA SER A 271 15.08 -11.46 -12.98
C SER A 271 14.36 -10.97 -11.72
C SER A 271 14.37 -10.98 -11.72
N ILE A 272 13.36 -11.75 -11.32
CA ILE A 272 12.67 -11.55 -10.05
C ILE A 272 13.43 -12.33 -9.00
N THR A 273 13.82 -11.67 -7.92
CA THR A 273 14.41 -12.36 -6.77
C THR A 273 13.34 -12.55 -5.73
N TYR A 274 13.12 -13.80 -5.32
CA TYR A 274 12.15 -14.12 -4.31
C TYR A 274 12.80 -14.23 -2.94
N THR A 275 12.05 -13.89 -1.91
CA THR A 275 12.53 -13.84 -0.54
C THR A 275 11.42 -14.33 0.39
N ALA A 276 11.84 -14.91 1.52
CA ALA A 276 10.91 -15.54 2.44
C ALA A 276 9.98 -14.52 3.10
N VAL A 277 8.76 -14.96 3.40
CA VAL A 277 7.74 -14.16 4.08
C VAL A 277 7.36 -14.84 5.38
N SER A 278 7.24 -14.05 6.44
CA SER A 278 6.59 -14.48 7.67
C SER A 278 5.18 -13.89 7.70
N THR A 279 4.19 -14.75 7.93
CA THR A 279 2.81 -14.30 8.08
C THR A 279 2.38 -14.21 9.55
N LYS A 280 3.34 -14.28 10.47
CA LYS A 280 3.01 -14.38 11.89
C LYS A 280 2.29 -13.15 12.43
N GLN A 281 2.56 -11.97 11.85
CA GLN A 281 1.85 -10.76 12.24
C GLN A 281 0.77 -10.38 11.22
N GLY A 282 0.47 -11.26 10.25
CA GLY A 282 -0.56 -11.00 9.27
C GLY A 282 -0.13 -10.15 8.09
N PHE A 283 1.14 -9.77 8.01
CA PHE A 283 1.66 -8.91 6.96
C PHE A 283 2.49 -9.71 5.97
N TRP A 284 2.80 -9.05 4.85
CA TRP A 284 3.83 -9.49 3.92
C TRP A 284 5.18 -9.05 4.49
N GLU A 285 5.63 -9.80 5.51
CA GLU A 285 6.80 -9.42 6.28
C GLU A 285 8.01 -10.20 5.76
N TRP A 286 9.13 -9.52 5.56
CA TRP A 286 10.31 -10.10 4.94
C TRP A 286 11.54 -9.41 5.53
N THR A 287 12.71 -9.91 5.18
CA THR A 287 13.96 -9.36 5.69
C THR A 287 14.86 -8.90 4.55
N SER A 288 15.04 -7.58 4.44
CA SER A 288 16.00 -7.05 3.49
C SER A 288 17.42 -7.35 3.97
N THR A 289 18.32 -7.53 3.02
CA THR A 289 19.70 -7.90 3.32
C THR A 289 20.63 -6.68 3.53
N GLY A 290 20.14 -5.45 3.34
CA GLY A 290 20.95 -4.30 3.68
C GLY A 290 20.64 -3.12 2.79
N TYR A 291 21.54 -2.15 2.79
CA TYR A 291 21.26 -0.90 2.10
C TYR A 291 22.54 -0.20 1.66
N ALA A 292 22.36 0.74 0.75
CA ALA A 292 23.42 1.69 0.40
C ALA A 292 22.79 3.07 0.22
N VAL A 293 23.59 4.11 0.45
CA VAL A 293 23.17 5.50 0.25
C VAL A 293 23.94 6.03 -0.96
N GLY A 294 23.22 6.49 -1.99
CA GLY A 294 23.91 7.03 -3.15
C GLY A 294 24.85 5.98 -3.72
N SER A 295 26.06 6.43 -4.06
CA SER A 295 27.10 5.58 -4.61
CA SER A 295 27.09 5.57 -4.61
C SER A 295 27.96 4.94 -3.53
N GLY A 296 27.54 5.01 -2.27
CA GLY A 296 28.31 4.47 -1.17
C GLY A 296 28.30 2.94 -1.11
N THR A 297 29.17 2.42 -0.25
CA THR A 297 29.28 0.98 -0.10
CA THR A 297 29.30 0.99 -0.02
C THR A 297 28.00 0.38 0.49
N PHE A 298 27.68 -0.82 0.02
CA PHE A 298 26.52 -1.54 0.55
C PHE A 298 26.84 -2.07 1.95
N LYS A 299 25.92 -1.84 2.87
CA LYS A 299 26.00 -2.33 4.24
C LYS A 299 25.10 -3.54 4.37
N SER A 300 25.69 -4.70 4.65
CA SER A 300 24.93 -5.93 4.84
C SER A 300 24.42 -5.97 6.26
N THR A 301 23.11 -5.95 6.41
CA THR A 301 22.47 -5.93 7.71
C THR A 301 21.02 -6.35 7.49
N SER A 302 20.49 -7.14 8.41
CA SER A 302 19.13 -7.64 8.23
C SER A 302 18.14 -6.60 8.67
N ILE A 303 17.19 -6.26 7.80
CA ILE A 303 16.16 -5.27 8.11
C ILE A 303 14.81 -5.93 7.92
N ASP A 304 14.16 -6.32 9.01
CA ASP A 304 12.83 -6.93 8.96
CA ASP A 304 12.84 -6.93 8.95
C ASP A 304 11.80 -5.85 8.75
N GLY A 305 10.92 -6.03 7.76
CA GLY A 305 9.89 -5.03 7.56
C GLY A 305 8.77 -5.60 6.72
N ILE A 306 7.81 -4.74 6.39
CA ILE A 306 6.63 -5.19 5.67
C ILE A 306 6.55 -4.49 4.32
N ALA A 307 6.06 -5.21 3.31
CA ALA A 307 5.76 -4.62 2.00
C ALA A 307 4.33 -4.08 2.07
N ASP A 308 4.20 -2.74 2.13
CA ASP A 308 2.92 -2.11 2.47
C ASP A 308 2.56 -1.03 1.45
N THR A 309 1.75 -1.40 0.44
CA THR A 309 1.32 -0.44 -0.57
C THR A 309 0.47 0.69 -0.01
N GLY A 310 -0.14 0.48 1.16
CA GLY A 310 -0.97 1.51 1.76
C GLY A 310 -0.23 2.52 2.62
N THR A 311 1.09 2.42 2.73
CA THR A 311 1.91 3.42 3.41
C THR A 311 2.68 4.18 2.34
N THR A 312 2.71 5.51 2.47
CA THR A 312 3.35 6.34 1.43
C THR A 312 4.87 6.22 1.45
N LEU A 313 5.47 6.33 2.65
CA LEU A 313 6.89 6.55 2.83
C LEU A 313 7.62 5.24 3.13
N LEU A 314 8.95 5.36 3.20
CA LEU A 314 9.86 4.28 3.57
C LEU A 314 10.32 4.53 5.00
N TYR A 315 9.91 3.65 5.93
CA TYR A 315 10.22 3.79 7.35
C TYR A 315 11.25 2.74 7.73
N LEU A 316 12.43 3.17 8.16
CA LEU A 316 13.57 2.31 8.41
C LEU A 316 14.21 2.64 9.74
N PRO A 317 15.13 1.80 10.23
CA PRO A 317 15.70 2.06 11.56
C PRO A 317 16.42 3.40 11.60
N ALA A 318 16.40 3.99 12.79
CA ALA A 318 17.00 5.30 12.99
C ALA A 318 18.43 5.38 12.51
N THR A 319 19.22 4.33 12.70
CA THR A 319 20.60 4.39 12.26
C THR A 319 20.70 4.53 10.75
N VAL A 320 19.86 3.80 10.02
CA VAL A 320 19.86 3.80 8.56
C VAL A 320 19.42 5.17 8.05
N VAL A 321 18.36 5.68 8.64
CA VAL A 321 17.81 6.95 8.20
C VAL A 321 18.78 8.10 8.47
N SER A 322 19.46 8.06 9.62
CA SER A 322 20.49 9.06 9.90
C SER A 322 21.60 9.02 8.86
N ALA A 323 22.03 7.81 8.49
CA ALA A 323 23.06 7.67 7.46
C ALA A 323 22.62 8.23 6.13
N TYR A 324 21.35 8.06 5.77
CA TYR A 324 20.85 8.64 4.52
C TYR A 324 20.90 10.17 4.57
N TRP A 325 20.24 10.77 5.57
CA TRP A 325 20.10 12.22 5.59
C TRP A 325 21.42 12.94 5.85
N ALA A 326 22.40 12.25 6.42
CA ALA A 326 23.72 12.85 6.58
C ALA A 326 24.33 13.20 5.23
N GLN A 327 23.86 12.59 4.14
CA GLN A 327 24.39 12.84 2.81
C GLN A 327 23.65 13.98 2.12
N VAL A 328 22.74 14.65 2.80
CA VAL A 328 21.97 15.75 2.20
C VAL A 328 22.30 17.01 3.00
N SER A 329 23.04 17.93 2.39
CA SER A 329 23.50 19.12 3.09
CA SER A 329 23.49 19.09 3.13
C SER A 329 22.32 19.93 3.58
N GLY A 330 22.28 20.20 4.87
CA GLY A 330 21.24 21.01 5.45
C GLY A 330 20.05 20.22 5.94
N ALA A 331 19.98 18.89 5.71
CA ALA A 331 18.84 18.11 6.21
C ALA A 331 18.93 17.99 7.73
N LYS A 332 17.77 17.92 8.38
CA LYS A 332 17.69 17.85 9.82
C LYS A 332 16.42 17.11 10.21
N SER A 333 16.42 16.44 11.36
CA SER A 333 15.18 15.94 11.92
C SER A 333 14.51 17.05 12.69
N SER A 334 13.27 17.35 12.31
CA SER A 334 12.49 18.45 12.87
C SER A 334 11.42 17.86 13.79
N SER A 335 11.49 18.21 15.06
CA SER A 335 10.49 17.71 16.00
CA SER A 335 10.48 17.70 15.99
C SER A 335 9.12 18.32 15.71
N SER A 336 9.09 19.58 15.29
CA SER A 336 7.80 20.21 15.05
C SER A 336 7.14 19.67 13.80
N VAL A 337 7.93 19.34 12.79
CA VAL A 337 7.35 18.81 11.56
C VAL A 337 7.06 17.32 11.69
N GLY A 338 7.84 16.61 12.51
CA GLY A 338 7.64 15.18 12.73
C GLY A 338 8.49 14.30 11.84
N GLY A 339 9.66 14.76 11.43
CA GLY A 339 10.57 13.90 10.71
C GLY A 339 11.68 14.72 10.09
N TYR A 340 12.45 14.04 9.27
CA TYR A 340 13.51 14.69 8.51
C TYR A 340 12.95 15.59 7.41
N VAL A 341 13.52 16.79 7.34
CA VAL A 341 13.24 17.79 6.32
C VAL A 341 14.57 18.20 5.71
N PHE A 342 14.50 18.80 4.52
CA PHE A 342 15.73 19.16 3.82
C PHE A 342 15.47 20.37 2.94
N PRO A 343 16.51 21.11 2.57
CA PRO A 343 16.29 22.31 1.75
C PRO A 343 15.73 21.89 0.39
N CYS A 344 14.69 22.58 -0.07
CA CYS A 344 14.08 22.16 -1.33
C CYS A 344 15.04 22.23 -2.51
N SER A 345 16.11 23.03 -2.41
CA SER A 345 17.12 23.16 -3.45
C SER A 345 18.07 21.97 -3.51
N ALA A 346 18.04 21.08 -2.54
CA ALA A 346 18.97 19.97 -2.55
C ALA A 346 18.67 18.96 -3.67
N THR A 347 19.72 18.30 -4.13
CA THR A 347 19.58 17.09 -4.96
C THR A 347 19.78 15.87 -4.05
N LEU A 348 18.79 15.00 -3.99
CA LEU A 348 18.81 13.88 -3.06
C LEU A 348 19.58 12.71 -3.66
N PRO A 349 20.37 11.99 -2.86
CA PRO A 349 20.99 10.76 -3.34
C PRO A 349 19.96 9.63 -3.42
N SER A 350 20.27 8.63 -4.23
CA SER A 350 19.45 7.43 -4.26
C SER A 350 19.59 6.64 -2.97
N PHE A 351 18.71 5.65 -2.80
CA PHE A 351 18.79 4.73 -1.68
C PHE A 351 18.58 3.33 -2.24
N THR A 352 19.48 2.41 -1.93
CA THR A 352 19.40 1.04 -2.43
C THR A 352 19.03 0.13 -1.28
N PHE A 353 18.10 -0.83 -1.51
CA PHE A 353 17.87 -1.86 -0.52
C PHE A 353 18.11 -3.23 -1.13
N GLY A 354 18.52 -4.18 -0.28
CA GLY A 354 18.83 -5.51 -0.74
C GLY A 354 17.65 -6.47 -0.63
N VAL A 355 17.54 -7.32 -1.63
CA VAL A 355 16.58 -8.44 -1.66
C VAL A 355 17.45 -9.65 -1.98
N GLY A 356 17.79 -10.46 -0.97
CA GLY A 356 18.82 -11.45 -1.20
C GLY A 356 20.08 -10.78 -1.74
N SER A 357 20.67 -11.34 -2.79
CA SER A 357 21.84 -10.75 -3.44
C SER A 357 21.48 -9.66 -4.43
N ALA A 358 20.19 -9.44 -4.68
CA ALA A 358 19.74 -8.43 -5.63
C ALA A 358 19.63 -7.07 -4.93
N ARG A 359 19.52 -6.04 -5.75
CA ARG A 359 19.50 -4.67 -5.23
C ARG A 359 18.41 -3.90 -5.96
N ILE A 360 17.60 -3.16 -5.20
CA ILE A 360 16.60 -2.26 -5.76
C ILE A 360 17.06 -0.84 -5.46
N VAL A 361 17.18 -0.04 -6.52
CA VAL A 361 17.64 1.34 -6.37
C VAL A 361 16.45 2.30 -6.43
N ILE A 362 16.26 3.06 -5.36
CA ILE A 362 15.24 4.11 -5.30
C ILE A 362 15.91 5.42 -5.74
N PRO A 363 15.55 5.99 -6.90
CA PRO A 363 16.16 7.28 -7.28
C PRO A 363 15.91 8.35 -6.22
N GLY A 364 16.86 9.27 -6.10
CA GLY A 364 16.74 10.34 -5.14
C GLY A 364 15.45 11.12 -5.25
N ASP A 365 14.99 11.40 -6.49
N ASP A 365 14.98 11.40 -6.48
CA ASP A 365 13.78 12.19 -6.66
CA ASP A 365 13.78 12.23 -6.54
C ASP A 365 12.56 11.53 -6.01
C ASP A 365 12.53 11.52 -6.03
N TYR A 366 12.56 10.19 -5.87
CA TYR A 366 11.41 9.52 -5.25
C TYR A 366 11.27 9.87 -3.77
N ILE A 367 12.33 10.42 -3.18
CA ILE A 367 12.41 10.69 -1.76
C ILE A 367 12.00 12.12 -1.43
N ASP A 368 11.64 12.91 -2.44
CA ASP A 368 11.25 14.32 -2.24
C ASP A 368 9.71 14.38 -2.12
N PHE A 369 9.22 14.80 -0.95
CA PHE A 369 7.79 14.98 -0.72
C PHE A 369 7.38 16.45 -0.64
N GLY A 370 8.22 17.33 -1.15
CA GLY A 370 7.81 18.70 -1.39
C GLY A 370 7.73 19.56 -0.14
N PRO A 371 7.35 20.83 -0.33
CA PRO A 371 7.37 21.79 0.78
C PRO A 371 6.55 21.31 1.96
N ILE A 372 7.06 21.61 3.16
CA ILE A 372 6.35 21.18 4.37
C ILE A 372 5.01 21.90 4.52
N SER A 373 4.90 23.10 3.99
CA SER A 373 3.67 23.89 3.95
C SER A 373 3.77 24.73 2.70
N THR A 374 2.63 25.17 2.18
CA THR A 374 2.67 25.89 0.92
C THR A 374 3.59 27.09 0.98
N GLY A 375 4.47 27.18 -0.02
CA GLY A 375 5.41 28.28 -0.11
C GLY A 375 6.68 28.12 0.68
N SER A 376 6.82 27.09 1.50
CA SER A 376 8.05 26.91 2.27
C SER A 376 9.17 26.42 1.36
N SER A 377 10.41 26.78 1.72
CA SER A 377 11.60 26.23 1.05
C SER A 377 12.20 25.05 1.83
N SER A 378 11.51 24.53 2.85
CA SER A 378 11.90 23.29 3.51
CA SER A 378 11.91 23.30 3.52
C SER A 378 10.97 22.21 3.02
N CYS A 379 11.55 21.06 2.68
CA CYS A 379 10.83 19.95 2.06
C CYS A 379 10.83 18.73 2.96
N PHE A 380 9.77 17.93 2.85
CA PHE A 380 9.64 16.74 3.68
C PHE A 380 10.29 15.53 3.03
N GLY A 381 11.05 14.77 3.83
CA GLY A 381 11.73 13.60 3.29
C GLY A 381 10.86 12.37 3.18
N GLY A 382 11.19 11.52 2.20
CA GLY A 382 10.45 10.29 1.98
C GLY A 382 10.97 9.06 2.66
N ILE A 383 12.10 9.19 3.36
CA ILE A 383 12.69 8.15 4.20
C ILE A 383 12.66 8.70 5.61
N GLN A 384 12.00 7.97 6.53
CA GLN A 384 11.81 8.43 7.89
C GLN A 384 12.07 7.29 8.86
N SER A 385 12.33 7.65 10.11
CA SER A 385 12.62 6.64 11.14
C SER A 385 11.37 5.84 11.49
N SER A 386 11.57 4.54 11.66
CA SER A 386 10.53 3.67 12.18
C SER A 386 10.51 3.56 13.69
N ALA A 387 11.39 4.29 14.37
CA ALA A 387 11.52 4.10 15.81
C ALA A 387 10.19 4.23 16.53
N GLY A 388 9.40 5.22 16.19
CA GLY A 388 8.12 5.28 16.91
C GLY A 388 7.07 4.23 16.54
N ILE A 389 7.28 3.42 15.50
CA ILE A 389 6.26 2.57 14.88
C ILE A 389 6.32 1.14 15.40
N GLY A 390 7.53 0.63 15.61
CA GLY A 390 7.70 -0.73 16.05
C GLY A 390 7.88 -1.75 14.95
N ILE A 391 7.87 -1.32 13.70
CA ILE A 391 8.14 -2.20 12.57
C ILE A 391 8.67 -1.30 11.45
N ASN A 392 9.54 -1.86 10.62
CA ASN A 392 9.97 -1.17 9.42
C ASN A 392 8.96 -1.35 8.31
N ILE A 393 8.77 -0.32 7.49
CA ILE A 393 7.73 -0.34 6.46
C ILE A 393 8.30 0.04 5.10
N PHE A 394 8.33 -0.92 4.18
CA PHE A 394 8.66 -0.66 2.78
C PHE A 394 7.38 -0.21 2.11
N GLY A 395 7.08 1.09 2.24
CA GLY A 395 5.93 1.70 1.64
C GLY A 395 6.18 2.07 0.19
N ASP A 396 5.30 2.94 -0.31
CA ASP A 396 5.29 3.22 -1.75
C ASP A 396 6.64 3.76 -2.26
N VAL A 397 7.33 4.59 -1.46
CA VAL A 397 8.63 5.10 -1.89
C VAL A 397 9.54 3.96 -2.36
N ALA A 398 9.56 2.87 -1.58
CA ALA A 398 10.38 1.71 -1.96
C ALA A 398 9.71 0.88 -3.05
N LEU A 399 8.42 0.56 -2.86
CA LEU A 399 7.80 -0.39 -3.77
C LEU A 399 7.70 0.14 -5.18
N LYS A 400 7.52 1.46 -5.35
CA LYS A 400 7.37 1.98 -6.71
C LYS A 400 8.66 1.94 -7.50
N ALA A 401 9.81 1.66 -6.86
CA ALA A 401 11.06 1.45 -7.56
C ALA A 401 11.18 0.01 -8.09
N ALA A 402 10.19 -0.85 -7.84
CA ALA A 402 10.29 -2.27 -8.18
C ALA A 402 9.00 -2.76 -8.80
N PHE A 403 9.12 -3.93 -9.45
CA PHE A 403 7.98 -4.76 -9.79
C PHE A 403 7.91 -5.79 -8.66
N VAL A 404 6.77 -5.87 -7.96
CA VAL A 404 6.68 -6.63 -6.72
C VAL A 404 5.65 -7.75 -6.88
N VAL A 405 6.06 -8.98 -6.60
CA VAL A 405 5.18 -10.14 -6.67
C VAL A 405 4.81 -10.56 -5.25
N PHE A 406 3.51 -10.62 -5.00
CA PHE A 406 2.93 -11.11 -3.74
C PHE A 406 2.45 -12.51 -4.05
N ASN A 407 3.30 -13.50 -3.71
CA ASN A 407 3.03 -14.89 -4.09
C ASN A 407 2.29 -15.56 -2.94
N GLY A 408 1.01 -15.84 -3.17
CA GLY A 408 0.13 -16.43 -2.17
C GLY A 408 -0.01 -17.93 -2.27
N ALA A 409 1.05 -18.60 -2.71
CA ALA A 409 1.12 -20.04 -2.67
C ALA A 409 1.05 -20.51 -1.22
N THR A 410 0.97 -21.84 -1.07
CA THR A 410 0.81 -22.44 0.25
C THR A 410 1.82 -21.90 1.27
N THR A 411 3.09 -21.76 0.87
CA THR A 411 4.05 -20.98 1.64
C THR A 411 4.29 -19.67 0.90
N PRO A 412 3.74 -18.53 1.37
CA PRO A 412 3.88 -17.29 0.61
C PRO A 412 5.32 -16.82 0.53
N THR A 413 5.63 -16.11 -0.56
CA THR A 413 6.92 -15.45 -0.73
C THR A 413 6.67 -14.10 -1.39
N LEU A 414 7.73 -13.26 -1.41
CA LEU A 414 7.67 -11.97 -2.09
CA LEU A 414 7.69 -11.97 -2.03
C LEU A 414 8.76 -11.96 -3.12
N GLY A 415 8.46 -11.42 -4.29
CA GLY A 415 9.46 -11.25 -5.33
C GLY A 415 9.67 -9.78 -5.67
N PHE A 416 10.90 -9.40 -5.96
CA PHE A 416 11.21 -8.04 -6.38
C PHE A 416 12.07 -8.10 -7.63
N ALA A 417 11.73 -7.24 -8.60
CA ALA A 417 12.55 -7.02 -9.79
C ALA A 417 12.70 -5.52 -10.01
N SER A 418 13.84 -5.13 -10.58
CA SER A 418 13.98 -3.78 -11.09
C SER A 418 13.10 -3.61 -12.34
N LYS A 419 12.86 -2.35 -12.73
CA LYS A 419 11.99 -2.10 -13.87
C LYS A 419 12.35 -0.84 -14.60
#